data_5W58
#
_entry.id   5W58
#
_cell.length_a   173.774
_cell.length_b   173.774
_cell.length_c   203.304
_cell.angle_alpha   90.00
_cell.angle_beta   90.00
_cell.angle_gamma   90.00
#
_symmetry.space_group_name_H-M   'I 41 2 2'
#
loop_
_entity.id
_entity.type
_entity.pdbx_description
1 polymer 'Prostaglandin G/H synthase 2'
2 branched 2-acetamido-2-deoxy-beta-D-glucopyranose-(1-4)-2-acetamido-2-deoxy-beta-D-glucopyranose-(1-4)-2-acetamido-2-deoxy-beta-D-glucopyranose
3 non-polymer 2-acetamido-2-deoxy-beta-D-glucopyranose
4 non-polymer 'octyl beta-D-glucopyranoside'
5 non-polymer 'PROTOPORPHYRIN IX CONTAINING FE'
6 non-polymer "(2S)-2-{2-fluoro-3'-[(hexylcarbamoyl)oxy][1,1'-biphenyl]-4-yl}propanoic acid"
7 water water
#
_entity_poly.entity_id   1
_entity_poly.type   'polypeptide(L)'
_entity_poly.pdbx_seq_one_letter_code
;ANPCCSNPCQNRGECMSTGFDQYKCDCTRTGFYGENCTTPEFLTRIKLLLKPTPNTVHYILTHFKGVWNIVNNIPFLRSL
IMKYVLTSRSYLIDSPPTYNVHYGYKSWEAFSNLSYYTRALPPVADDCPTPMGVKGNKELPDSKEVLEKVLLRREFIPDP
QGSNMMFAFFAQHFTHQFFKTDHKRGPGFTRGLGHGVDLNHIYGETLDRQHKLRLFKDGKLKYQVIGGEVYPPTVKDTQV
EMIYPPHIPENLQFAVGQEVFGLVPGLMMYATIWLREHNRVCDILKQEHPEWGDEQLFQTSRLILIGETIKIVIEDYVQH
LSGYHFKLKFDPELLFNQQFQYQNRIASEFNTLYHWHPLLPDTFNIEDQEYSFKQFLYNNSILLEHGLTQFVESFTRQIA
GRVAGGRNVPIAVQAVAKASIDQSREMKYQSLNEYRKRFSLKPYTSFEELTGEKEMAAELKALYSDIDVMELYPALLVEK
PRPDAIFGETMVELGAPFSLKGLMGNPICSPQYWKPSTFGGEVGFKIINTASIQSLICNNVKGCPFTSFNVQDPQPTKTA
TINASASHSRLDDINPTVLIKRRSTEL
;
_entity_poly.pdbx_strand_id   A
#
# COMPACT_ATOMS: atom_id res chain seq x y z
N ALA A 1 -8.77 -13.35 -31.72
CA ALA A 1 -8.77 -12.69 -33.02
C ALA A 1 -7.69 -11.60 -33.09
N ASN A 2 -7.67 -10.74 -32.08
CA ASN A 2 -6.63 -9.71 -31.94
C ASN A 2 -5.24 -10.36 -31.94
N PRO A 3 -4.41 -10.01 -32.94
CA PRO A 3 -3.08 -10.62 -33.08
C PRO A 3 -2.12 -10.26 -31.94
N CYS A 4 -2.55 -9.34 -31.07
CA CYS A 4 -1.79 -8.94 -29.89
C CYS A 4 -2.19 -9.75 -28.63
N CYS A 5 -3.10 -10.72 -28.80
CA CYS A 5 -3.61 -11.49 -27.66
C CYS A 5 -2.55 -12.35 -26.98
N SER A 6 -1.50 -12.72 -27.70
CA SER A 6 -0.46 -13.59 -27.12
C SER A 6 0.57 -12.79 -26.34
N ASN A 7 0.40 -11.47 -26.30
CA ASN A 7 1.39 -10.57 -25.71
C ASN A 7 2.79 -10.79 -26.27
N PRO A 8 2.94 -10.71 -27.61
CA PRO A 8 4.23 -11.09 -28.21
C PRO A 8 5.40 -10.15 -27.88
N CYS A 9 5.13 -8.88 -27.60
CA CYS A 9 6.20 -7.90 -27.40
C CYS A 9 6.82 -7.99 -26.00
N GLN A 10 8.15 -8.08 -25.97
CA GLN A 10 8.87 -8.21 -24.71
C GLN A 10 9.53 -6.90 -24.28
N ASN A 11 10.04 -6.88 -23.05
CA ASN A 11 10.92 -5.81 -22.59
C ASN A 11 10.28 -4.42 -22.66
N ARG A 12 8.97 -4.39 -22.40
CA ARG A 12 8.13 -3.17 -22.36
C ARG A 12 7.94 -2.49 -23.71
N GLY A 13 8.21 -3.22 -24.79
CA GLY A 13 7.80 -2.78 -26.11
C GLY A 13 6.27 -2.88 -26.22
N GLU A 14 5.67 -2.07 -27.08
CA GLU A 14 4.21 -2.02 -27.18
C GLU A 14 3.68 -2.73 -28.44
N CYS A 15 2.63 -3.53 -28.26
CA CYS A 15 2.04 -4.24 -29.38
C CYS A 15 0.93 -3.41 -30.03
N MET A 16 0.87 -3.45 -31.36
CA MET A 16 -0.16 -2.75 -32.12
C MET A 16 -0.55 -3.65 -33.28
N SER A 17 -1.85 -3.83 -33.50
CA SER A 17 -2.27 -4.63 -34.64
C SER A 17 -2.05 -3.81 -35.92
N THR A 18 -1.73 -4.49 -37.02
CA THR A 18 -1.47 -3.81 -38.29
C THR A 18 -2.25 -4.50 -39.40
N GLY A 19 -3.50 -4.86 -39.10
CA GLY A 19 -4.30 -5.70 -39.97
C GLY A 19 -5.00 -6.71 -39.08
N PHE A 20 -5.83 -7.56 -39.68
CA PHE A 20 -6.61 -8.52 -38.89
C PHE A 20 -5.72 -9.60 -38.27
N ASP A 21 -4.68 -10.03 -38.98
CA ASP A 21 -3.85 -11.14 -38.49
C ASP A 21 -2.37 -10.79 -38.37
N GLN A 22 -2.06 -9.52 -38.20
CA GLN A 22 -0.67 -9.08 -38.07
C GLN A 22 -0.47 -8.05 -36.97
N TYR A 23 0.73 -8.02 -36.39
CA TYR A 23 1.06 -7.04 -35.37
C TYR A 23 2.45 -6.45 -35.62
N LYS A 24 2.69 -5.29 -35.00
CA LYS A 24 4.02 -4.69 -34.98
C LYS A 24 4.35 -4.30 -33.54
N CYS A 25 5.61 -4.49 -33.14
CA CYS A 25 6.09 -4.04 -31.83
C CYS A 25 6.84 -2.72 -31.95
N ASP A 26 6.55 -1.79 -31.05
CA ASP A 26 7.25 -0.52 -30.95
C ASP A 26 8.30 -0.66 -29.86
N CYS A 27 9.57 -0.67 -30.27
CA CYS A 27 10.66 -0.98 -29.36
C CYS A 27 11.35 0.29 -28.85
N THR A 28 10.77 1.44 -29.16
CA THR A 28 11.33 2.75 -28.80
C THR A 28 11.76 2.78 -27.34
N ARG A 29 13.00 3.21 -27.13
CA ARG A 29 13.64 3.35 -25.82
C ARG A 29 13.54 2.13 -24.88
N THR A 30 13.36 0.94 -25.43
CA THR A 30 13.33 -0.28 -24.60
C THR A 30 14.73 -0.82 -24.30
N GLY A 31 15.68 -0.53 -25.17
CA GLY A 31 17.02 -1.08 -25.06
C GLY A 31 17.19 -2.29 -25.97
N PHE A 32 16.10 -2.68 -26.62
CA PHE A 32 16.05 -3.82 -27.52
C PHE A 32 15.48 -3.43 -28.90
N TYR A 33 15.70 -4.29 -29.89
CA TYR A 33 15.08 -4.14 -31.20
C TYR A 33 14.72 -5.54 -31.72
N GLY A 34 14.29 -5.63 -32.99
CA GLY A 34 13.80 -6.89 -33.53
C GLY A 34 12.28 -7.00 -33.44
N GLU A 35 11.72 -8.00 -34.11
CA GLU A 35 10.28 -8.19 -34.23
C GLU A 35 9.51 -8.17 -32.90
N ASN A 36 9.99 -8.87 -31.90
CA ASN A 36 9.33 -8.93 -30.62
C ASN A 36 10.16 -8.18 -29.57
N CYS A 37 11.00 -7.25 -30.00
CA CYS A 37 11.86 -6.48 -29.08
C CYS A 37 12.74 -7.35 -28.17
N THR A 38 13.43 -8.35 -28.73
CA THR A 38 14.21 -9.24 -27.87
C THR A 38 15.71 -9.25 -28.19
N THR A 39 16.13 -8.54 -29.24
CA THR A 39 17.56 -8.41 -29.53
C THR A 39 18.16 -7.22 -28.77
N PRO A 40 19.05 -7.49 -27.80
CA PRO A 40 19.56 -6.39 -26.97
C PRO A 40 20.53 -5.50 -27.74
N GLU A 41 20.47 -4.19 -27.50
CA GLU A 41 21.49 -3.29 -28.02
C GLU A 41 22.79 -3.56 -27.27
N PHE A 42 23.91 -3.10 -27.82
CA PHE A 42 25.20 -3.45 -27.24
C PHE A 42 25.31 -3.03 -25.78
N LEU A 43 24.87 -1.82 -25.49
CA LEU A 43 24.92 -1.31 -24.12
C LEU A 43 24.00 -2.09 -23.19
N THR A 44 22.95 -2.68 -23.76
CA THR A 44 21.95 -3.39 -22.99
C THR A 44 22.47 -4.77 -22.54
N ARG A 45 23.18 -5.48 -23.41
CA ARG A 45 23.65 -6.82 -23.01
C ARG A 45 24.75 -6.71 -21.95
N ILE A 46 25.47 -5.59 -21.95
CA ILE A 46 26.44 -5.34 -20.89
C ILE A 46 25.74 -5.15 -19.55
N LYS A 47 24.72 -4.29 -19.52
CA LYS A 47 23.98 -4.06 -18.30
C LYS A 47 23.29 -5.33 -17.83
N LEU A 48 22.87 -6.17 -18.75
CA LEU A 48 22.21 -7.40 -18.40
C LEU A 48 23.12 -8.38 -17.72
N LEU A 49 24.34 -8.51 -18.22
CA LEU A 49 25.30 -9.43 -17.61
C LEU A 49 25.80 -8.94 -16.25
N LEU A 50 25.60 -7.67 -15.95
CA LEU A 50 26.10 -7.09 -14.71
C LEU A 50 25.04 -7.02 -13.61
N LYS A 51 23.77 -6.96 -14.01
CA LYS A 51 22.65 -6.79 -13.07
C LYS A 51 22.43 -8.02 -12.20
N PRO A 52 22.45 -7.83 -10.87
CA PRO A 52 22.17 -8.93 -9.94
C PRO A 52 20.68 -9.18 -9.75
N THR A 53 20.28 -10.43 -9.53
CA THR A 53 18.87 -10.78 -9.35
C THR A 53 18.29 -10.12 -8.09
N PRO A 54 16.95 -9.96 -8.04
CA PRO A 54 16.34 -9.44 -6.81
C PRO A 54 16.69 -10.28 -5.57
N ASN A 55 16.70 -11.61 -5.70
CA ASN A 55 17.00 -12.45 -4.54
C ASN A 55 18.46 -12.28 -4.08
N THR A 56 19.37 -11.97 -5.01
CA THR A 56 20.76 -11.69 -4.65
C THR A 56 20.88 -10.39 -3.84
N VAL A 57 20.21 -9.34 -4.33
CA VAL A 57 20.23 -8.03 -3.71
C VAL A 57 19.58 -8.09 -2.32
N HIS A 58 18.44 -8.78 -2.24
CA HIS A 58 17.73 -8.98 -0.96
C HIS A 58 18.60 -9.71 0.05
N TYR A 59 19.39 -10.69 -0.40
CA TYR A 59 20.30 -11.39 0.51
C TYR A 59 21.30 -10.40 1.10
N ILE A 60 21.86 -9.55 0.24
CA ILE A 60 22.89 -8.60 0.65
C ILE A 60 22.35 -7.57 1.63
N LEU A 61 21.13 -7.10 1.38
CA LEU A 61 20.48 -6.10 2.21
C LEU A 61 20.04 -6.68 3.56
N THR A 62 19.96 -8.00 3.66
CA THR A 62 19.53 -8.64 4.90
C THR A 62 20.65 -9.45 5.58
N HIS A 63 21.89 -9.25 5.14
CA HIS A 63 23.06 -9.81 5.82
C HIS A 63 24.13 -8.74 5.99
N PHE A 64 25.28 -9.15 6.52
CA PHE A 64 26.41 -8.24 6.72
C PHE A 64 26.01 -7.06 7.58
N LYS A 65 25.31 -7.33 8.68
CA LYS A 65 24.78 -6.30 9.55
C LYS A 65 25.84 -5.29 9.98
N GLY A 66 27.05 -5.78 10.24
CA GLY A 66 28.15 -4.94 10.68
C GLY A 66 28.62 -3.95 9.65
N VAL A 67 28.57 -4.34 8.38
CA VAL A 67 28.94 -3.43 7.29
C VAL A 67 27.89 -2.35 7.10
N TRP A 68 26.61 -2.71 7.21
CA TRP A 68 25.52 -1.75 7.07
C TRP A 68 25.55 -0.72 8.21
N ASN A 69 25.91 -1.17 9.41
CA ASN A 69 26.10 -0.24 10.53
C ASN A 69 27.12 0.83 10.21
N ILE A 70 28.16 0.46 9.46
CA ILE A 70 29.15 1.43 8.99
C ILE A 70 28.53 2.36 7.97
N VAL A 71 27.93 1.78 6.93
CA VAL A 71 27.32 2.54 5.84
C VAL A 71 26.27 3.52 6.36
N ASN A 72 25.45 3.07 7.31
CA ASN A 72 24.38 3.89 7.85
C ASN A 72 24.88 5.17 8.56
N ASN A 73 26.14 5.16 9.00
CA ASN A 73 26.72 6.30 9.71
C ASN A 73 27.59 7.19 8.82
N ILE A 74 27.63 6.87 7.53
CA ILE A 74 28.29 7.71 6.54
C ILE A 74 27.21 8.35 5.70
N PRO A 75 26.83 9.60 6.05
CA PRO A 75 25.67 10.27 5.45
C PRO A 75 25.70 10.32 3.92
N PHE A 76 26.85 10.60 3.32
CA PHE A 76 26.92 10.67 1.89
C PHE A 76 26.71 9.30 1.26
N LEU A 77 27.18 8.27 1.91
CA LEU A 77 26.98 6.90 1.44
C LEU A 77 25.52 6.47 1.56
N ARG A 78 24.92 6.75 2.72
CA ARG A 78 23.51 6.44 2.96
C ARG A 78 22.62 7.18 1.94
N SER A 79 22.93 8.45 1.68
CA SER A 79 22.21 9.25 0.70
C SER A 79 22.33 8.65 -0.70
N LEU A 80 23.56 8.29 -1.09
CA LEU A 80 23.84 7.71 -2.40
C LEU A 80 23.01 6.44 -2.65
N ILE A 81 22.98 5.56 -1.66
CA ILE A 81 22.25 4.31 -1.80
C ILE A 81 20.73 4.56 -1.82
N MET A 82 20.25 5.43 -0.95
CA MET A 82 18.80 5.70 -0.93
C MET A 82 18.35 6.35 -2.24
N LYS A 83 19.22 7.15 -2.83
CA LYS A 83 18.90 7.78 -4.08
C LYS A 83 18.72 6.77 -5.17
N TYR A 84 19.55 5.75 -5.18
CA TYR A 84 19.46 4.73 -6.17
C TYR A 84 18.23 3.87 -6.00
N VAL A 85 17.82 3.69 -4.76
CA VAL A 85 16.65 2.91 -4.46
C VAL A 85 15.46 3.64 -5.03
N LEU A 86 15.39 4.93 -4.80
CA LEU A 86 14.28 5.71 -5.30
C LEU A 86 14.19 5.74 -6.82
N THR A 87 15.27 6.11 -7.47
CA THR A 87 15.24 6.20 -8.92
C THR A 87 15.07 4.89 -9.63
N SER A 88 15.76 3.85 -9.18
CA SER A 88 15.65 2.55 -9.86
C SER A 88 14.26 1.92 -9.66
N ARG A 89 13.61 2.21 -8.54
CA ARG A 89 12.27 1.70 -8.27
C ARG A 89 11.19 2.48 -9.03
N SER A 90 11.35 3.80 -9.10
CA SER A 90 10.40 4.68 -9.78
C SER A 90 10.37 4.47 -11.29
N TYR A 91 11.51 4.15 -11.87
CA TYR A 91 11.62 3.93 -13.31
C TYR A 91 10.66 2.85 -13.82
N LEU A 92 10.22 1.96 -12.93
CA LEU A 92 9.36 0.85 -13.32
C LEU A 92 7.92 1.28 -13.55
N ILE A 93 7.57 2.49 -13.10
CA ILE A 93 6.21 3.02 -13.17
C ILE A 93 6.02 4.04 -14.32
N ASP A 94 5.03 3.80 -15.18
CA ASP A 94 4.66 4.75 -16.24
C ASP A 94 4.12 6.06 -15.67
N SER A 95 4.84 7.16 -15.86
CA SER A 95 4.38 8.44 -15.36
C SER A 95 4.72 9.59 -16.34
N PRO A 96 3.71 10.29 -16.89
CA PRO A 96 2.23 10.19 -16.78
C PRO A 96 1.70 8.80 -17.06
N PRO A 97 0.56 8.47 -16.43
CA PRO A 97 0.02 7.10 -16.49
C PRO A 97 -0.55 6.79 -17.87
N THR A 98 -0.76 5.50 -18.13
CA THR A 98 -1.18 5.08 -19.46
C THR A 98 -2.52 4.32 -19.45
N TYR A 99 -2.49 2.99 -19.32
CA TYR A 99 -3.67 2.15 -19.51
C TYR A 99 -4.65 2.14 -18.33
N ASN A 100 -5.88 1.68 -18.58
CA ASN A 100 -6.81 1.35 -17.48
C ASN A 100 -7.72 0.18 -17.88
N VAL A 101 -8.69 -0.14 -17.05
CA VAL A 101 -9.50 -1.34 -17.29
C VAL A 101 -10.21 -1.31 -18.66
N HIS A 102 -10.51 -0.12 -19.19
CA HIS A 102 -11.20 -0.01 -20.47
C HIS A 102 -10.30 0.33 -21.66
N TYR A 103 -9.02 0.62 -21.41
CA TYR A 103 -8.14 1.07 -22.49
C TYR A 103 -6.82 0.33 -22.49
N GLY A 104 -6.67 -0.60 -23.45
CA GLY A 104 -5.44 -1.34 -23.65
C GLY A 104 -4.50 -0.64 -24.64
N TYR A 105 -4.83 0.60 -24.95
CA TYR A 105 -3.99 1.49 -25.78
C TYR A 105 -4.06 2.85 -25.10
N LYS A 106 -3.08 3.70 -25.35
CA LYS A 106 -3.08 5.04 -24.75
C LYS A 106 -4.17 5.91 -25.39
N SER A 107 -4.86 6.68 -24.55
CA SER A 107 -5.95 7.55 -25.00
C SER A 107 -6.11 8.72 -24.05
N TRP A 108 -6.73 9.79 -24.52
CA TRP A 108 -6.94 10.94 -23.67
C TRP A 108 -7.94 10.62 -22.57
N GLU A 109 -8.91 9.76 -22.87
CA GLU A 109 -9.87 9.32 -21.85
C GLU A 109 -9.14 8.63 -20.67
N ALA A 110 -8.23 7.70 -20.96
CA ALA A 110 -7.50 7.01 -19.88
C ALA A 110 -6.56 7.98 -19.15
N PHE A 111 -5.98 8.93 -19.85
CA PHE A 111 -5.12 9.89 -19.17
C PHE A 111 -5.89 10.85 -18.25
N SER A 112 -7.01 11.37 -18.74
CA SER A 112 -7.65 12.50 -18.07
C SER A 112 -8.72 12.12 -17.05
N ASN A 113 -9.28 10.91 -17.15
CA ASN A 113 -10.39 10.54 -16.26
C ASN A 113 -9.85 9.94 -14.95
N LEU A 114 -9.90 10.76 -13.90
CA LEU A 114 -9.28 10.44 -12.61
C LEU A 114 -10.10 9.43 -11.80
N SER A 115 -11.29 9.11 -12.28
CA SER A 115 -12.13 8.11 -11.60
C SER A 115 -11.63 6.69 -11.81
N TYR A 116 -10.77 6.48 -12.81
CA TYR A 116 -10.19 5.14 -13.01
C TYR A 116 -8.97 4.92 -12.14
N TYR A 117 -8.80 3.70 -11.63
CA TYR A 117 -7.47 3.24 -11.26
C TYR A 117 -6.67 3.09 -12.56
N THR A 118 -5.39 3.44 -12.58
CA THR A 118 -4.60 3.17 -13.78
C THR A 118 -4.16 1.70 -13.78
N ARG A 119 -3.50 1.28 -14.86
CA ARG A 119 -3.08 -0.11 -15.02
C ARG A 119 -1.61 -0.23 -15.44
N ALA A 120 -0.85 -1.05 -14.73
CA ALA A 120 0.55 -1.28 -15.03
C ALA A 120 0.71 -2.14 -16.30
N LEU A 121 -0.22 -3.07 -16.49
CA LEU A 121 -0.30 -3.83 -17.74
C LEU A 121 -1.71 -3.69 -18.30
N PRO A 122 -1.82 -3.53 -19.62
CA PRO A 122 -3.15 -3.36 -20.24
C PRO A 122 -4.00 -4.60 -20.03
N PRO A 123 -5.34 -4.46 -20.09
CA PRO A 123 -6.21 -5.64 -19.94
C PRO A 123 -6.13 -6.57 -21.15
N VAL A 124 -6.38 -7.84 -20.94
CA VAL A 124 -6.52 -8.77 -22.06
C VAL A 124 -7.73 -8.33 -22.87
N ALA A 125 -7.56 -8.20 -24.18
CA ALA A 125 -8.64 -7.72 -25.04
C ALA A 125 -9.88 -8.62 -24.94
N ASP A 126 -11.04 -8.02 -25.14
CA ASP A 126 -12.31 -8.75 -25.08
C ASP A 126 -12.42 -9.93 -26.07
N ASP A 127 -11.86 -9.78 -27.28
CA ASP A 127 -12.01 -10.81 -28.30
C ASP A 127 -10.90 -11.87 -28.29
N CYS A 128 -10.12 -11.96 -27.21
CA CYS A 128 -9.10 -13.00 -27.12
C CYS A 128 -9.74 -14.36 -26.85
N PRO A 129 -9.19 -15.42 -27.45
CA PRO A 129 -9.74 -16.77 -27.30
C PRO A 129 -9.74 -17.32 -25.85
N THR A 130 -8.77 -16.93 -25.02
CA THR A 130 -8.74 -17.40 -23.62
C THR A 130 -8.65 -16.22 -22.63
N PRO A 131 -8.95 -16.46 -21.34
CA PRO A 131 -8.83 -15.39 -20.33
C PRO A 131 -7.45 -14.70 -20.25
N MET A 132 -6.38 -15.46 -20.40
CA MET A 132 -5.01 -14.92 -20.29
C MET A 132 -4.47 -14.45 -21.65
N GLY A 133 -5.23 -14.68 -22.71
CA GLY A 133 -4.82 -14.30 -24.05
C GLY A 133 -4.99 -15.46 -25.03
N VAL A 134 -3.96 -16.27 -25.17
CA VAL A 134 -4.01 -17.47 -26.01
C VAL A 134 -3.77 -18.76 -25.21
N LYS A 135 -3.07 -18.65 -24.08
CA LYS A 135 -2.74 -19.81 -23.26
C LYS A 135 -3.90 -20.22 -22.33
N GLY A 136 -3.96 -21.51 -21.98
CA GLY A 136 -4.92 -22.01 -21.00
C GLY A 136 -6.20 -22.62 -21.54
N ASN A 137 -7.20 -22.73 -20.67
CA ASN A 137 -8.51 -23.25 -21.07
C ASN A 137 -9.50 -22.14 -21.37
N LYS A 138 -10.68 -22.51 -21.88
CA LYS A 138 -11.74 -21.55 -22.13
C LYS A 138 -12.14 -20.82 -20.84
N GLU A 139 -11.96 -21.50 -19.70
CA GLU A 139 -12.25 -20.92 -18.40
C GLU A 139 -11.12 -21.15 -17.39
N LEU A 140 -10.93 -20.17 -16.51
CA LEU A 140 -10.03 -20.30 -15.37
C LEU A 140 -10.70 -21.17 -14.29
N PRO A 141 -9.89 -21.79 -13.41
CA PRO A 141 -10.46 -22.67 -12.37
C PRO A 141 -11.47 -21.97 -11.47
N ASP A 142 -12.44 -22.74 -10.96
CA ASP A 142 -13.43 -22.27 -10.00
C ASP A 142 -12.73 -21.52 -8.87
N SER A 143 -13.13 -20.27 -8.64
CA SER A 143 -12.42 -19.44 -7.66
C SER A 143 -12.65 -19.94 -6.22
N LYS A 144 -13.80 -20.53 -5.98
CA LYS A 144 -14.11 -21.07 -4.66
C LYS A 144 -13.17 -22.25 -4.35
N GLU A 145 -12.84 -23.04 -5.37
CA GLU A 145 -11.89 -24.14 -5.23
C GLU A 145 -10.47 -23.63 -4.99
N VAL A 146 -10.05 -22.62 -5.74
CA VAL A 146 -8.75 -22.01 -5.51
C VAL A 146 -8.64 -21.52 -4.06
N LEU A 147 -9.65 -20.76 -3.65
CA LEU A 147 -9.75 -20.22 -2.30
C LEU A 147 -9.59 -21.30 -1.21
N GLU A 148 -10.34 -22.37 -1.35
CA GLU A 148 -10.42 -23.38 -0.30
C GLU A 148 -9.19 -24.29 -0.26
N LYS A 149 -8.62 -24.55 -1.43
CA LYS A 149 -7.49 -25.46 -1.51
C LYS A 149 -6.15 -24.83 -1.11
N VAL A 150 -5.90 -23.56 -1.49
CA VAL A 150 -4.59 -22.98 -1.18
C VAL A 150 -4.58 -21.63 -0.46
N LEU A 151 -5.75 -21.03 -0.26
CA LEU A 151 -5.79 -19.68 0.34
C LEU A 151 -6.34 -19.66 1.78
N LEU A 152 -7.33 -20.50 2.07
CA LEU A 152 -8.02 -20.45 3.35
C LEU A 152 -7.15 -20.91 4.51
N ARG A 153 -7.22 -20.16 5.61
CA ARG A 153 -6.52 -20.52 6.84
C ARG A 153 -7.05 -21.82 7.43
N ARG A 154 -6.14 -22.76 7.72
CA ARG A 154 -6.44 -23.88 8.60
C ARG A 154 -6.07 -23.46 10.03
N GLU A 155 -4.82 -23.72 10.41
CA GLU A 155 -4.27 -23.12 11.62
C GLU A 155 -3.59 -21.77 11.31
N PHE A 156 -3.77 -20.79 12.19
CA PHE A 156 -3.10 -19.50 12.09
C PHE A 156 -1.58 -19.65 11.90
N ILE A 157 -1.06 -19.05 10.82
CA ILE A 157 0.38 -18.98 10.57
C ILE A 157 0.92 -17.58 10.89
N PRO A 158 1.77 -17.47 11.93
CA PRO A 158 2.28 -16.17 12.35
C PRO A 158 3.36 -15.59 11.44
N ASP A 159 3.52 -14.27 11.44
CA ASP A 159 4.59 -13.63 10.69
C ASP A 159 5.96 -13.79 11.39
N PRO A 160 6.90 -14.50 10.74
CA PRO A 160 8.27 -14.65 11.27
C PRO A 160 9.02 -13.32 11.49
N GLN A 161 8.66 -12.27 10.75
CA GLN A 161 9.30 -10.96 10.93
C GLN A 161 8.77 -10.21 12.14
N GLY A 162 7.71 -10.72 12.77
CA GLY A 162 7.22 -10.14 14.00
C GLY A 162 6.24 -8.99 13.89
N SER A 163 5.68 -8.76 12.69
CA SER A 163 4.71 -7.67 12.49
C SER A 163 3.53 -7.83 13.43
N ASN A 164 3.10 -6.73 14.05
CA ASN A 164 2.05 -6.81 15.05
C ASN A 164 0.76 -6.12 14.59
N MET A 165 -0.22 -6.01 15.48
CA MET A 165 -1.49 -5.38 15.14
C MET A 165 -1.36 -3.86 14.98
N MET A 166 -0.36 -3.25 15.63
CA MET A 166 -0.04 -1.85 15.35
C MET A 166 0.32 -1.71 13.87
N PHE A 167 1.06 -2.70 13.36
CA PHE A 167 1.47 -2.72 11.97
C PHE A 167 0.27 -2.98 11.03
N ALA A 168 -0.52 -4.01 11.37
CA ALA A 168 -1.67 -4.40 10.56
C ALA A 168 -2.67 -3.24 10.41
N PHE A 169 -3.01 -2.58 11.53
CA PHE A 169 -4.01 -1.52 11.46
C PHE A 169 -3.45 -0.21 10.89
N PHE A 170 -2.14 0.01 11.02
CA PHE A 170 -1.51 1.12 10.31
C PHE A 170 -1.64 0.90 8.81
N ALA A 171 -1.35 -0.32 8.37
CA ALA A 171 -1.51 -0.67 6.95
C ALA A 171 -2.92 -0.38 6.44
N GLN A 172 -3.92 -0.85 7.18
CA GLN A 172 -5.30 -0.65 6.78
C GLN A 172 -5.66 0.84 6.78
N HIS A 173 -5.27 1.57 7.81
CA HIS A 173 -5.58 2.97 7.90
C HIS A 173 -4.92 3.83 6.83
N PHE A 174 -3.63 3.64 6.64
CA PHE A 174 -2.87 4.39 5.67
C PHE A 174 -3.37 4.15 4.23
N THR A 175 -3.52 2.89 3.85
CA THR A 175 -3.85 2.57 2.46
C THR A 175 -5.28 2.95 2.07
N HIS A 176 -6.16 3.06 3.05
CA HIS A 176 -7.54 3.36 2.80
C HIS A 176 -7.83 4.78 2.41
N GLN A 177 -6.82 5.62 2.35
CA GLN A 177 -7.00 6.95 1.81
C GLN A 177 -6.84 6.91 0.31
N PHE A 178 -6.14 5.90 -0.22
CA PHE A 178 -5.99 5.86 -1.68
C PHE A 178 -6.49 4.57 -2.35
N PHE A 179 -6.85 3.58 -1.57
CA PHE A 179 -7.64 2.46 -2.10
C PHE A 179 -9.09 2.66 -1.65
N LYS A 180 -9.92 3.28 -2.49
CA LYS A 180 -11.33 3.53 -2.17
C LYS A 180 -12.20 3.22 -3.39
N THR A 181 -12.45 1.94 -3.62
CA THR A 181 -13.11 1.52 -4.84
C THR A 181 -14.52 2.08 -4.92
N ASP A 182 -14.85 2.62 -6.09
CA ASP A 182 -16.17 3.16 -6.36
C ASP A 182 -17.07 2.03 -6.86
N HIS A 183 -17.83 1.43 -5.96
CA HIS A 183 -18.62 0.24 -6.29
C HIS A 183 -19.85 0.52 -7.15
N LYS A 184 -20.23 1.78 -7.25
CA LYS A 184 -21.30 2.18 -8.10
C LYS A 184 -20.84 2.06 -9.55
N ARG A 185 -19.55 2.28 -9.80
CA ARG A 185 -19.00 2.17 -11.15
C ARG A 185 -18.36 0.81 -11.44
N GLY A 186 -17.68 0.23 -10.45
CA GLY A 186 -17.03 -1.05 -10.67
C GLY A 186 -15.64 -1.12 -10.07
N PRO A 187 -15.04 -2.31 -10.07
CA PRO A 187 -13.76 -2.56 -9.38
C PRO A 187 -12.59 -1.79 -10.00
N GLY A 188 -12.75 -1.32 -11.24
CA GLY A 188 -11.68 -0.58 -11.90
C GLY A 188 -11.70 0.91 -11.61
N PHE A 189 -12.55 1.31 -10.66
CA PHE A 189 -12.78 2.73 -10.39
C PHE A 189 -12.53 3.10 -8.92
N THR A 190 -12.14 4.36 -8.71
CA THR A 190 -11.78 4.84 -7.38
C THR A 190 -12.54 6.11 -6.99
N ARG A 191 -12.70 6.31 -5.70
CA ARG A 191 -13.31 7.52 -5.16
C ARG A 191 -12.22 8.46 -4.63
N GLY A 192 -10.97 7.99 -4.60
CA GLY A 192 -9.86 8.79 -4.12
C GLY A 192 -9.20 9.54 -5.26
N LEU A 193 -9.77 10.69 -5.62
CA LEU A 193 -9.35 11.42 -6.83
C LEU A 193 -8.02 12.15 -6.62
N GLY A 194 -7.55 12.16 -5.37
CA GLY A 194 -6.23 12.69 -5.05
C GLY A 194 -5.12 11.73 -5.45
N HIS A 195 -5.45 10.44 -5.59
CA HIS A 195 -4.51 9.41 -6.07
C HIS A 195 -3.17 9.38 -5.30
N GLY A 196 -3.25 9.41 -3.97
CA GLY A 196 -2.05 9.32 -3.17
C GLY A 196 -2.23 9.78 -1.75
N VAL A 197 -1.16 10.34 -1.17
CA VAL A 197 -1.15 10.66 0.24
C VAL A 197 -1.62 12.10 0.47
N ASP A 198 -2.93 12.30 0.50
CA ASP A 198 -3.48 13.64 0.73
C ASP A 198 -4.17 13.73 2.09
N LEU A 199 -4.21 12.61 2.81
CA LEU A 199 -4.83 12.50 4.14
C LEU A 199 -6.34 12.80 4.12
N ASN A 200 -6.99 12.45 3.03
CA ASN A 200 -8.42 12.60 2.88
C ASN A 200 -9.18 11.72 3.87
N HIS A 201 -8.49 10.74 4.41
CA HIS A 201 -9.06 9.85 5.40
C HIS A 201 -9.20 10.46 6.82
N ILE A 202 -8.59 11.62 7.01
CA ILE A 202 -8.68 12.40 8.19
C ILE A 202 -9.47 13.66 7.89
N TYR A 203 -9.29 14.26 6.73
CA TYR A 203 -9.89 15.56 6.44
C TYR A 203 -11.14 15.50 5.56
N GLY A 204 -11.43 14.36 4.95
CA GLY A 204 -12.54 14.29 4.01
C GLY A 204 -12.09 14.46 2.57
N GLU A 205 -12.73 13.70 1.68
CA GLU A 205 -12.46 13.77 0.25
C GLU A 205 -12.95 15.11 -0.33
N THR A 206 -14.12 15.59 0.13
CA THR A 206 -14.65 16.84 -0.41
C THR A 206 -14.59 17.98 0.58
N LEU A 207 -14.66 19.20 0.03
CA LEU A 207 -14.62 20.43 0.79
C LEU A 207 -15.78 20.49 1.80
N ASP A 208 -16.96 20.07 1.36
CA ASP A 208 -18.14 20.05 2.23
C ASP A 208 -17.93 19.16 3.47
N ARG A 209 -17.43 17.94 3.26
CA ARG A 209 -17.21 17.03 4.37
C ARG A 209 -16.14 17.59 5.31
N GLN A 210 -15.09 18.17 4.73
CA GLN A 210 -14.03 18.80 5.51
C GLN A 210 -14.57 19.88 6.45
N HIS A 211 -15.42 20.76 5.93
CA HIS A 211 -15.92 21.88 6.72
C HIS A 211 -16.84 21.42 7.84
N LYS A 212 -17.52 20.29 7.66
CA LYS A 212 -18.32 19.71 8.74
C LYS A 212 -17.45 19.12 9.86
N LEU A 213 -16.25 18.66 9.51
CA LEU A 213 -15.31 18.09 10.48
C LEU A 213 -14.47 19.14 11.21
N ARG A 214 -14.44 20.37 10.70
CA ARG A 214 -13.61 21.43 11.26
C ARG A 214 -14.29 22.29 12.35
N LEU A 215 -13.46 22.79 13.26
CA LEU A 215 -13.93 23.63 14.36
C LEU A 215 -13.99 25.11 13.94
N PHE A 216 -13.14 25.49 13.00
CA PHE A 216 -12.99 26.87 12.54
C PHE A 216 -12.50 27.80 13.66
N LYS A 217 -11.87 27.18 14.66
CA LYS A 217 -11.06 27.90 15.65
C LYS A 217 -9.64 27.29 15.63
N ASP A 218 -8.61 28.12 15.47
CA ASP A 218 -7.21 27.70 15.61
C ASP A 218 -6.76 26.61 14.62
N GLY A 219 -7.47 26.45 13.52
CA GLY A 219 -7.11 25.45 12.52
C GLY A 219 -7.54 24.03 12.88
N LYS A 220 -8.27 23.90 13.98
CA LYS A 220 -8.50 22.58 14.58
C LYS A 220 -9.65 21.79 13.97
N LEU A 221 -9.58 20.48 14.15
CA LEU A 221 -10.70 19.60 13.84
C LEU A 221 -11.60 19.51 15.07
N LYS A 222 -12.91 19.32 14.86
CA LYS A 222 -13.85 19.11 15.97
C LYS A 222 -13.47 17.87 16.77
N TYR A 223 -13.77 17.87 18.06
CA TYR A 223 -13.38 16.78 18.97
C TYR A 223 -14.32 16.74 20.18
N GLN A 224 -14.26 15.66 20.95
CA GLN A 224 -14.91 15.63 22.23
C GLN A 224 -13.96 14.98 23.22
N VAL A 225 -14.20 15.18 24.50
CA VAL A 225 -13.37 14.57 25.53
C VAL A 225 -14.22 13.63 26.36
N ILE A 226 -13.79 12.37 26.44
CA ILE A 226 -14.47 11.36 27.25
C ILE A 226 -13.47 10.73 28.21
N GLY A 227 -13.81 10.70 29.50
CA GLY A 227 -12.90 10.22 30.54
C GLY A 227 -11.53 10.89 30.48
N GLY A 228 -11.51 12.18 30.18
CA GLY A 228 -10.27 12.96 30.18
C GLY A 228 -9.47 12.88 28.89
N GLU A 229 -9.92 12.05 27.95
CA GLU A 229 -9.19 11.78 26.71
C GLU A 229 -9.97 12.23 25.47
N VAL A 230 -9.25 12.60 24.42
CA VAL A 230 -9.85 13.20 23.22
C VAL A 230 -10.27 12.17 22.16
N TYR A 231 -11.48 12.31 21.66
CA TYR A 231 -12.05 11.39 20.66
C TYR A 231 -12.70 12.18 19.52
N PRO A 232 -12.97 11.53 18.37
CA PRO A 232 -13.65 12.25 17.29
C PRO A 232 -15.05 12.68 17.70
N PRO A 233 -15.61 13.71 17.04
CA PRO A 233 -16.99 14.12 17.25
C PRO A 233 -17.99 13.07 16.76
N THR A 234 -19.25 13.27 17.04
CA THR A 234 -20.27 12.33 16.62
C THR A 234 -20.89 12.73 15.28
N VAL A 235 -21.63 11.82 14.68
CA VAL A 235 -22.32 12.19 13.47
C VAL A 235 -23.46 13.14 13.81
N LYS A 236 -24.07 12.99 14.98
CA LYS A 236 -25.12 13.88 15.37
C LYS A 236 -24.66 15.31 15.52
N ASP A 237 -23.43 15.53 15.92
CA ASP A 237 -22.91 16.89 16.12
C ASP A 237 -22.32 17.52 14.86
N THR A 238 -22.01 16.71 13.86
CA THR A 238 -21.32 17.22 12.68
C THR A 238 -22.10 17.04 11.38
N GLN A 239 -23.03 16.07 11.39
CA GLN A 239 -23.78 15.65 10.21
C GLN A 239 -22.94 15.06 9.10
N VAL A 240 -21.84 14.41 9.44
CA VAL A 240 -20.98 13.79 8.48
C VAL A 240 -21.48 12.37 8.27
N GLU A 241 -21.58 11.90 7.04
CA GLU A 241 -22.03 10.52 6.85
C GLU A 241 -20.95 9.54 7.21
N MET A 242 -21.35 8.52 7.98
CA MET A 242 -20.49 7.40 8.35
C MET A 242 -21.27 6.12 8.12
N ILE A 243 -20.58 5.02 7.93
CA ILE A 243 -21.25 3.77 7.76
C ILE A 243 -21.31 3.09 9.11
N TYR A 244 -22.51 2.90 9.62
CA TYR A 244 -22.70 2.26 10.89
C TYR A 244 -23.99 1.51 10.82
N PRO A 245 -24.02 0.35 11.46
CA PRO A 245 -25.25 -0.41 11.52
C PRO A 245 -26.26 0.32 12.37
N PRO A 246 -27.49 -0.11 12.25
CA PRO A 246 -28.62 0.52 12.92
C PRO A 246 -28.58 0.64 14.43
N HIS A 247 -28.06 -0.34 15.12
CA HIS A 247 -28.08 -0.30 16.57
C HIS A 247 -27.06 0.51 17.35
N ILE A 248 -26.10 1.14 16.69
CA ILE A 248 -25.10 1.89 17.41
C ILE A 248 -25.63 3.14 18.06
N PRO A 249 -25.39 3.29 19.34
CA PRO A 249 -25.82 4.51 20.04
C PRO A 249 -25.19 5.74 19.40
N GLU A 250 -25.94 6.81 19.35
CA GLU A 250 -25.45 8.01 18.74
C GLU A 250 -24.14 8.49 19.31
N ASN A 251 -23.94 8.33 20.59
CA ASN A 251 -22.69 8.77 21.25
C ASN A 251 -21.48 7.95 20.81
N LEU A 252 -21.73 6.77 20.23
CA LEU A 252 -20.64 5.92 19.75
C LEU A 252 -20.46 5.97 18.22
N GLN A 253 -21.17 6.88 17.55
CA GLN A 253 -21.05 7.05 16.11
C GLN A 253 -20.03 8.13 15.78
N PHE A 254 -18.76 7.80 16.02
CA PHE A 254 -17.66 8.72 15.72
C PHE A 254 -17.58 9.09 14.24
N ALA A 255 -17.38 10.38 13.99
CA ALA A 255 -17.28 10.89 12.64
C ALA A 255 -15.82 11.27 12.31
N VAL A 256 -15.24 10.62 11.31
CA VAL A 256 -13.89 10.95 10.87
C VAL A 256 -13.85 11.13 9.33
N GLY A 257 -12.68 11.45 8.78
CA GLY A 257 -12.55 11.74 7.37
C GLY A 257 -13.04 10.64 6.43
N GLN A 258 -12.69 9.40 6.72
CA GLN A 258 -13.08 8.24 5.94
C GLN A 258 -14.32 7.60 6.51
N GLU A 259 -15.34 7.50 5.70
CA GLU A 259 -16.63 6.98 6.13
C GLU A 259 -16.70 5.55 6.58
N VAL A 260 -15.73 4.75 6.22
CA VAL A 260 -15.78 3.38 6.65
C VAL A 260 -14.94 3.07 7.87
N PHE A 261 -14.36 4.07 8.49
CA PHE A 261 -13.42 3.83 9.61
C PHE A 261 -14.08 3.42 10.93
N GLY A 262 -15.41 3.45 10.98
CA GLY A 262 -16.14 2.90 12.12
C GLY A 262 -16.24 1.37 12.08
N LEU A 263 -15.72 0.78 11.02
CA LEU A 263 -15.78 -0.65 10.85
C LEU A 263 -15.05 -1.46 11.90
N VAL A 264 -13.89 -1.01 12.34
CA VAL A 264 -13.13 -1.71 13.38
C VAL A 264 -12.49 -0.73 14.31
N PRO A 265 -12.35 -1.09 15.56
CA PRO A 265 -11.76 -0.22 16.57
C PRO A 265 -10.31 0.07 16.32
N GLY A 266 -9.65 -0.81 15.62
CA GLY A 266 -8.25 -0.60 15.26
C GLY A 266 -8.07 0.55 14.28
N LEU A 267 -9.02 0.73 13.37
CA LEU A 267 -9.03 1.87 12.47
C LEU A 267 -9.34 3.18 13.21
N MET A 268 -10.34 3.11 14.09
CA MET A 268 -10.76 4.26 14.87
C MET A 268 -9.65 4.67 15.86
N MET A 269 -8.81 3.72 16.28
CA MET A 269 -7.66 4.04 17.12
C MET A 269 -6.68 4.97 16.37
N TYR A 270 -6.36 4.63 15.12
CA TYR A 270 -5.45 5.49 14.35
C TYR A 270 -6.10 6.81 13.93
N ALA A 271 -7.42 6.79 13.69
CA ALA A 271 -8.14 8.00 13.36
C ALA A 271 -8.08 8.97 14.52
N THR A 272 -8.20 8.43 15.74
CA THR A 272 -8.16 9.22 16.97
C THR A 272 -6.76 9.80 17.21
N ILE A 273 -5.73 8.98 17.03
CA ILE A 273 -4.35 9.43 17.20
C ILE A 273 -4.00 10.57 16.22
N TRP A 274 -4.38 10.42 14.96
CA TRP A 274 -4.09 11.47 13.99
C TRP A 274 -4.95 12.73 14.17
N LEU A 275 -6.17 12.57 14.67
CA LEU A 275 -6.98 13.73 15.05
C LEU A 275 -6.28 14.54 16.13
N ARG A 276 -5.81 13.85 17.17
CA ARG A 276 -5.06 14.47 18.26
C ARG A 276 -3.79 15.14 17.73
N GLU A 277 -3.10 14.49 16.79
CA GLU A 277 -1.85 15.02 16.26
C GLU A 277 -2.09 16.31 15.45
N HIS A 278 -3.15 16.32 14.63
CA HIS A 278 -3.52 17.55 13.89
C HIS A 278 -3.71 18.72 14.83
N ASN A 279 -4.49 18.51 15.91
CA ASN A 279 -4.78 19.60 16.84
C ASN A 279 -3.56 19.98 17.67
N ARG A 280 -2.68 19.02 17.93
CA ARG A 280 -1.40 19.28 18.60
C ARG A 280 -0.56 20.22 17.75
N VAL A 281 -0.47 19.92 16.45
CA VAL A 281 0.33 20.74 15.55
C VAL A 281 -0.27 22.16 15.40
N CYS A 282 -1.60 22.24 15.40
CA CYS A 282 -2.27 23.55 15.38
C CYS A 282 -1.81 24.43 16.54
N ASP A 283 -1.73 23.85 17.73
CA ASP A 283 -1.35 24.64 18.89
C ASP A 283 0.11 25.06 18.83
N ILE A 284 0.98 24.21 18.29
CA ILE A 284 2.38 24.57 18.12
C ILE A 284 2.51 25.71 17.10
N LEU A 285 1.80 25.61 15.98
CA LEU A 285 1.86 26.66 14.98
C LEU A 285 1.30 28.00 15.49
N LYS A 286 0.24 27.94 16.29
CA LYS A 286 -0.36 29.17 16.84
C LYS A 286 0.58 29.88 17.81
N GLN A 287 1.43 29.12 18.49
CA GLN A 287 2.45 29.66 19.38
C GLN A 287 3.54 30.43 18.57
N GLU A 288 3.96 29.86 17.44
CA GLU A 288 4.89 30.53 16.52
C GLU A 288 4.25 31.69 15.77
N HIS A 289 2.95 31.58 15.50
CA HIS A 289 2.25 32.54 14.65
C HIS A 289 0.95 33.03 15.29
N PRO A 290 1.07 33.86 16.35
CA PRO A 290 -0.13 34.42 16.97
C PRO A 290 -0.93 35.30 16.00
N GLU A 291 -0.35 35.64 14.86
CA GLU A 291 -0.98 36.53 13.89
C GLU A 291 -1.80 35.78 12.85
N TRP A 292 -1.62 34.46 12.78
CA TRP A 292 -2.32 33.63 11.78
C TRP A 292 -3.79 33.40 12.13
N GLY A 293 -4.63 33.25 11.13
CA GLY A 293 -6.01 32.88 11.34
C GLY A 293 -6.23 31.38 11.22
N ASP A 294 -7.48 30.97 11.40
CA ASP A 294 -7.86 29.56 11.42
C ASP A 294 -7.53 28.80 10.12
N GLU A 295 -7.80 29.43 8.96
CA GLU A 295 -7.61 28.76 7.68
C GLU A 295 -6.13 28.42 7.42
N GLN A 296 -5.23 29.35 7.71
CA GLN A 296 -3.82 29.09 7.47
C GLN A 296 -3.28 28.06 8.47
N LEU A 297 -3.79 28.10 9.71
CA LEU A 297 -3.38 27.12 10.72
C LEU A 297 -3.82 25.73 10.26
N PHE A 298 -5.05 25.61 9.77
CA PHE A 298 -5.57 24.34 9.32
C PHE A 298 -4.76 23.78 8.15
N GLN A 299 -4.58 24.59 7.10
CA GLN A 299 -3.89 24.15 5.88
C GLN A 299 -2.44 23.79 6.18
N THR A 300 -1.77 24.59 7.01
CA THR A 300 -0.37 24.34 7.29
C THR A 300 -0.21 23.06 8.13
N SER A 301 -1.10 22.84 9.10
CA SER A 301 -1.05 21.61 9.88
C SER A 301 -1.26 20.39 8.97
N ARG A 302 -2.18 20.50 8.01
CA ARG A 302 -2.40 19.42 7.06
C ARG A 302 -1.12 19.10 6.26
N LEU A 303 -0.38 20.13 5.83
CA LEU A 303 0.85 19.88 5.07
C LEU A 303 1.87 19.18 5.96
N ILE A 304 1.98 19.63 7.21
CA ILE A 304 2.88 19.00 8.16
C ILE A 304 2.51 17.53 8.41
N LEU A 305 1.21 17.23 8.53
CA LEU A 305 0.79 15.84 8.78
C LEU A 305 1.01 14.95 7.56
N ILE A 306 0.90 15.51 6.35
CA ILE A 306 1.28 14.77 5.13
C ILE A 306 2.79 14.39 5.18
N GLY A 307 3.64 15.35 5.55
CA GLY A 307 5.07 15.08 5.72
C GLY A 307 5.38 14.02 6.78
N GLU A 308 4.78 14.16 7.95
CA GLU A 308 4.91 13.16 9.01
C GLU A 308 4.56 11.76 8.53
N THR A 309 3.46 11.67 7.78
CA THR A 309 2.98 10.38 7.29
C THR A 309 4.01 9.73 6.38
N ILE A 310 4.51 10.48 5.41
CA ILE A 310 5.50 9.94 4.48
C ILE A 310 6.79 9.56 5.21
N LYS A 311 7.18 10.39 6.18
CA LYS A 311 8.38 10.13 6.99
C LYS A 311 8.26 8.81 7.74
N ILE A 312 7.14 8.61 8.43
CA ILE A 312 6.89 7.38 9.19
C ILE A 312 6.75 6.15 8.29
N VAL A 313 6.01 6.29 7.19
CA VAL A 313 5.83 5.19 6.25
C VAL A 313 7.17 4.68 5.71
N ILE A 314 8.09 5.59 5.38
CA ILE A 314 9.38 5.17 4.84
C ILE A 314 10.32 4.64 5.93
N GLU A 315 10.49 5.39 7.02
CA GLU A 315 11.58 5.09 7.94
C GLU A 315 11.19 4.16 9.08
N ASP A 316 9.89 3.94 9.30
CA ASP A 316 9.46 2.96 10.30
C ASP A 316 8.69 1.80 9.66
N TYR A 317 7.69 2.12 8.86
CA TYR A 317 6.78 1.11 8.30
C TYR A 317 7.43 0.26 7.22
N VAL A 318 7.95 0.89 6.17
CA VAL A 318 8.60 0.17 5.07
C VAL A 318 9.94 -0.37 5.56
N GLN A 319 10.59 0.39 6.44
CA GLN A 319 11.80 -0.09 7.07
C GLN A 319 11.53 -1.46 7.74
N HIS A 320 10.50 -1.54 8.58
CA HIS A 320 10.18 -2.81 9.21
C HIS A 320 9.87 -3.95 8.22
N LEU A 321 8.95 -3.72 7.27
CA LEU A 321 8.54 -4.82 6.41
C LEU A 321 9.66 -5.24 5.44
N SER A 322 10.55 -4.31 5.09
CA SER A 322 11.66 -4.60 4.17
C SER A 322 12.61 -5.65 4.73
N GLY A 323 12.80 -5.63 6.05
CA GLY A 323 13.76 -6.51 6.69
C GLY A 323 15.21 -6.09 6.48
N TYR A 324 15.44 -4.94 5.85
CA TYR A 324 16.82 -4.51 5.52
C TYR A 324 17.56 -3.97 6.73
N HIS A 325 18.88 -4.17 6.74
CA HIS A 325 19.77 -3.56 7.72
C HIS A 325 20.16 -2.13 7.32
N PHE A 326 20.10 -1.84 6.02
CA PHE A 326 20.25 -0.46 5.56
C PHE A 326 19.14 0.43 6.10
N LYS A 327 19.49 1.58 6.65
CA LYS A 327 18.52 2.52 7.21
C LYS A 327 17.92 3.43 6.12
N LEU A 328 16.69 3.12 5.69
CA LEU A 328 15.99 3.92 4.69
C LEU A 328 15.84 5.36 5.15
N LYS A 329 15.68 6.27 4.19
CA LYS A 329 15.66 7.70 4.50
C LYS A 329 14.55 8.42 3.73
N PHE A 330 13.78 9.27 4.43
CA PHE A 330 12.88 10.19 3.75
C PHE A 330 13.62 11.49 3.53
N ASP A 331 13.97 11.76 2.27
CA ASP A 331 14.71 12.99 1.95
C ASP A 331 14.46 13.42 0.51
N PRO A 332 13.46 14.30 0.30
CA PRO A 332 13.12 14.85 -1.03
C PRO A 332 14.31 15.42 -1.80
N GLU A 333 15.27 15.96 -1.06
CA GLU A 333 16.46 16.58 -1.63
C GLU A 333 17.27 15.58 -2.45
N LEU A 334 17.13 14.29 -2.17
CA LEU A 334 17.84 13.25 -2.93
C LEU A 334 17.47 13.23 -4.42
N LEU A 335 16.30 13.75 -4.78
CA LEU A 335 15.84 13.71 -6.16
C LEU A 335 15.98 15.04 -6.92
N PHE A 336 16.49 16.09 -6.27
CA PHE A 336 16.52 17.41 -6.94
C PHE A 336 17.50 17.47 -8.12
N ASN A 337 18.49 16.58 -8.19
CA ASN A 337 19.39 16.55 -9.34
C ASN A 337 19.08 15.37 -10.28
N GLN A 338 17.93 14.75 -10.08
CA GLN A 338 17.49 13.60 -10.86
C GLN A 338 16.28 13.94 -11.70
N GLN A 339 16.00 13.12 -12.70
CA GLN A 339 14.76 13.19 -13.46
C GLN A 339 13.69 12.43 -12.70
N PHE A 340 12.61 13.12 -12.36
CA PHE A 340 11.52 12.55 -11.57
C PHE A 340 10.26 13.36 -11.75
N GLN A 341 9.13 12.69 -11.92
CA GLN A 341 7.83 13.36 -12.09
C GLN A 341 7.05 13.44 -10.77
N TYR A 342 6.77 14.66 -10.31
CA TYR A 342 6.03 14.83 -9.07
C TYR A 342 4.52 14.73 -9.30
N GLN A 343 4.08 13.49 -9.50
CA GLN A 343 2.68 13.15 -9.75
C GLN A 343 2.55 11.65 -9.54
N ASN A 344 1.32 11.19 -9.36
CA ASN A 344 1.06 9.77 -9.11
C ASN A 344 -0.37 9.44 -9.49
N ARG A 345 -0.56 8.26 -10.08
CA ARG A 345 -1.89 7.72 -10.32
C ARG A 345 -1.94 6.31 -9.73
N ILE A 346 -2.96 6.01 -8.94
CA ILE A 346 -3.01 4.73 -8.22
C ILE A 346 -3.35 3.57 -9.18
N ALA A 347 -2.50 2.56 -9.21
CA ALA A 347 -2.70 1.42 -10.11
C ALA A 347 -3.60 0.36 -9.49
N SER A 348 -4.46 -0.22 -10.31
CA SER A 348 -5.33 -1.32 -9.89
C SER A 348 -4.57 -2.48 -9.27
N GLU A 349 -3.44 -2.84 -9.89
CA GLU A 349 -2.64 -3.96 -9.43
C GLU A 349 -2.00 -3.68 -8.08
N PHE A 350 -1.76 -2.42 -7.79
CA PHE A 350 -1.21 -2.03 -6.51
C PHE A 350 -2.25 -2.28 -5.44
N ASN A 351 -3.49 -2.01 -5.77
CA ASN A 351 -4.58 -2.21 -4.87
C ASN A 351 -4.72 -3.69 -4.63
N THR A 352 -4.72 -4.45 -5.70
CA THR A 352 -4.85 -5.90 -5.60
C THR A 352 -3.78 -6.55 -4.73
N LEU A 353 -2.52 -6.18 -4.92
CA LEU A 353 -1.43 -6.84 -4.20
C LEU A 353 -1.43 -6.45 -2.72
N TYR A 354 -2.11 -5.37 -2.38
CA TYR A 354 -2.12 -4.88 -1.02
C TYR A 354 -3.30 -5.45 -0.21
N HIS A 355 -3.91 -6.50 -0.70
CA HIS A 355 -4.97 -7.13 0.05
C HIS A 355 -4.33 -8.10 1.01
N TRP A 356 -3.82 -7.58 2.11
CA TRP A 356 -3.10 -8.37 3.07
C TRP A 356 -3.96 -8.91 4.21
N HIS A 357 -5.10 -9.49 3.89
CA HIS A 357 -5.96 -10.01 4.93
C HIS A 357 -5.40 -11.21 5.74
N PRO A 358 -4.37 -11.94 5.21
CA PRO A 358 -3.75 -12.91 6.13
C PRO A 358 -3.11 -12.30 7.38
N LEU A 359 -2.86 -10.99 7.38
CA LEU A 359 -2.37 -10.29 8.56
C LEU A 359 -3.29 -10.48 9.79
N LEU A 360 -4.59 -10.55 9.53
CA LEU A 360 -5.58 -10.58 10.61
C LEU A 360 -5.48 -11.85 11.47
N PRO A 361 -5.58 -11.69 12.80
CA PRO A 361 -5.55 -12.83 13.74
C PRO A 361 -6.89 -13.53 13.82
N ASP A 362 -6.96 -14.62 14.58
CA ASP A 362 -8.20 -15.36 14.80
C ASP A 362 -9.15 -14.60 15.75
N THR A 363 -8.56 -13.94 16.74
CA THR A 363 -9.27 -13.10 17.70
C THR A 363 -8.42 -11.86 17.96
N PHE A 364 -9.06 -10.77 18.39
CA PHE A 364 -8.35 -9.54 18.75
C PHE A 364 -8.24 -9.46 20.26
N ASN A 365 -7.01 -9.54 20.75
CA ASN A 365 -6.78 -9.58 22.17
C ASN A 365 -6.39 -8.29 22.83
N ILE A 366 -7.27 -7.77 23.67
CA ILE A 366 -6.99 -6.55 24.37
C ILE A 366 -7.20 -6.85 25.83
N GLU A 367 -6.23 -6.50 26.64
CA GLU A 367 -6.23 -6.78 28.05
C GLU A 367 -6.41 -8.27 28.20
N ASP A 368 -7.49 -8.72 28.77
CA ASP A 368 -7.66 -10.17 28.89
C ASP A 368 -8.84 -10.69 28.14
N GLN A 369 -9.30 -9.93 27.17
CA GLN A 369 -10.39 -10.33 26.36
C GLN A 369 -9.89 -10.84 25.04
N GLU A 370 -10.62 -11.76 24.46
CA GLU A 370 -10.28 -12.28 23.18
C GLU A 370 -11.51 -12.05 22.36
N TYR A 371 -11.57 -10.94 21.66
CA TYR A 371 -12.76 -10.63 20.86
C TYR A 371 -12.77 -11.35 19.52
N SER A 372 -13.88 -12.04 19.24
CA SER A 372 -14.09 -12.61 17.91
C SER A 372 -14.33 -11.49 16.90
N PHE A 373 -14.34 -11.85 15.61
CA PHE A 373 -14.66 -10.88 14.56
C PHE A 373 -16.04 -10.25 14.78
N LYS A 374 -17.00 -11.09 15.18
CA LYS A 374 -18.37 -10.65 15.40
C LYS A 374 -18.46 -9.57 16.49
N GLN A 375 -17.68 -9.76 17.56
CA GLN A 375 -17.66 -8.81 18.68
C GLN A 375 -16.85 -7.55 18.40
N PHE A 376 -15.84 -7.65 17.55
CA PHE A 376 -14.91 -6.55 17.29
C PHE A 376 -15.47 -5.54 16.29
N LEU A 377 -16.12 -6.05 15.24
CA LEU A 377 -16.60 -5.23 14.14
C LEU A 377 -17.62 -4.20 14.59
N TYR A 378 -17.39 -2.95 14.20
CA TYR A 378 -18.30 -1.82 14.50
C TYR A 378 -18.52 -1.54 15.99
N ASN A 379 -17.65 -2.06 16.85
CA ASN A 379 -17.83 -1.87 18.28
C ASN A 379 -16.83 -0.86 18.83
N ASN A 380 -17.19 0.42 18.72
CA ASN A 380 -16.40 1.51 19.29
C ASN A 380 -16.41 1.58 20.82
N SER A 381 -17.34 0.87 21.46
CA SER A 381 -17.38 0.87 22.93
C SER A 381 -16.20 0.06 23.49
N ILE A 382 -15.71 -0.90 22.72
CA ILE A 382 -14.45 -1.57 23.06
C ILE A 382 -13.33 -0.52 23.16
N LEU A 383 -13.33 0.45 22.24
CA LEU A 383 -12.31 1.49 22.25
C LEU A 383 -12.39 2.37 23.51
N LEU A 384 -13.61 2.74 23.90
CA LEU A 384 -13.81 3.57 25.09
C LEU A 384 -13.62 2.79 26.41
N GLU A 385 -14.00 1.52 26.44
CA GLU A 385 -13.81 0.71 27.63
C GLU A 385 -12.33 0.58 28.02
N HIS A 386 -11.47 0.30 27.05
CA HIS A 386 -10.06 0.08 27.33
C HIS A 386 -9.21 1.36 27.22
N GLY A 387 -9.57 2.27 26.32
CA GLY A 387 -8.77 3.45 26.03
C GLY A 387 -7.62 3.16 25.08
N LEU A 388 -7.04 4.18 24.49
CA LEU A 388 -5.95 4.00 23.55
C LEU A 388 -4.68 3.44 24.15
N THR A 389 -4.35 3.83 25.37
CA THR A 389 -3.14 3.34 26.03
C THR A 389 -3.15 1.82 26.07
N GLN A 390 -4.26 1.25 26.51
CA GLN A 390 -4.39 -0.18 26.60
C GLN A 390 -4.39 -0.81 25.22
N PHE A 391 -5.01 -0.14 24.27
CA PHE A 391 -4.96 -0.62 22.88
C PHE A 391 -3.53 -0.75 22.37
N VAL A 392 -2.72 0.27 22.62
CA VAL A 392 -1.34 0.27 22.14
C VAL A 392 -0.53 -0.84 22.84
N GLU A 393 -0.71 -0.99 24.14
CA GLU A 393 0.00 -2.03 24.88
C GLU A 393 -0.32 -3.44 24.34
N SER A 394 -1.59 -3.70 24.06
CA SER A 394 -2.00 -5.01 23.58
C SER A 394 -1.61 -5.23 22.11
N PHE A 395 -1.97 -4.31 21.23
CA PHE A 395 -1.66 -4.47 19.80
C PHE A 395 -0.16 -4.55 19.49
N THR A 396 0.66 -3.92 20.32
CA THR A 396 2.12 -3.96 20.14
C THR A 396 2.64 -5.38 20.35
N ARG A 397 1.95 -6.18 21.16
CA ARG A 397 2.45 -7.51 21.48
C ARG A 397 1.64 -8.62 20.84
N GLN A 398 0.64 -8.27 20.02
CA GLN A 398 -0.09 -9.30 19.30
C GLN A 398 0.43 -9.48 17.87
N ILE A 399 0.88 -10.69 17.57
CA ILE A 399 1.47 -11.02 16.29
C ILE A 399 0.44 -11.04 15.15
N ALA A 400 0.81 -10.48 14.01
CA ALA A 400 0.01 -10.56 12.79
C ALA A 400 0.33 -11.85 12.01
N GLY A 401 -0.52 -12.19 11.04
CA GLY A 401 -0.33 -13.40 10.26
C GLY A 401 0.58 -13.20 9.05
N ARG A 402 1.20 -14.29 8.59
CA ARG A 402 2.07 -14.26 7.42
C ARG A 402 1.29 -14.09 6.11
N VAL A 403 1.76 -13.23 5.21
CA VAL A 403 0.98 -12.95 3.98
C VAL A 403 1.31 -13.93 2.85
N ALA A 404 2.59 -14.14 2.56
CA ALA A 404 3.00 -15.17 1.60
C ALA A 404 3.00 -16.54 2.27
N GLY A 405 3.30 -17.59 1.50
CA GLY A 405 3.44 -18.91 2.09
C GLY A 405 2.19 -19.76 2.08
N GLY A 406 1.05 -19.15 1.71
CA GLY A 406 -0.18 -19.90 1.50
C GLY A 406 -1.05 -20.16 2.72
N ARG A 407 -2.32 -20.46 2.45
CA ARG A 407 -3.27 -20.96 3.44
C ARG A 407 -3.32 -20.17 4.74
N ASN A 408 -3.50 -18.85 4.63
CA ASN A 408 -3.59 -18.04 5.84
C ASN A 408 -4.62 -16.91 5.76
N VAL A 409 -5.56 -17.00 4.81
CA VAL A 409 -6.69 -16.06 4.78
C VAL A 409 -7.75 -16.46 5.82
N PRO A 410 -8.06 -15.55 6.76
CA PRO A 410 -9.04 -15.96 7.78
C PRO A 410 -10.44 -16.14 7.19
N ILE A 411 -11.16 -17.10 7.73
CA ILE A 411 -12.41 -17.51 7.12
C ILE A 411 -13.50 -16.42 7.28
N ALA A 412 -13.29 -15.49 8.21
CA ALA A 412 -14.22 -14.38 8.44
C ALA A 412 -14.28 -13.42 7.24
N VAL A 413 -13.20 -13.35 6.47
CA VAL A 413 -13.19 -12.50 5.29
C VAL A 413 -12.94 -13.28 3.99
N GLN A 414 -13.37 -14.54 3.94
CA GLN A 414 -13.13 -15.34 2.74
C GLN A 414 -13.86 -14.78 1.52
N ALA A 415 -15.02 -14.16 1.73
CA ALA A 415 -15.80 -13.62 0.63
C ALA A 415 -15.02 -12.50 -0.06
N VAL A 416 -14.27 -11.72 0.73
CA VAL A 416 -13.42 -10.67 0.17
C VAL A 416 -12.30 -11.26 -0.67
N ALA A 417 -11.75 -12.40 -0.23
CA ALA A 417 -10.69 -13.06 -0.97
C ALA A 417 -11.22 -13.69 -2.27
N LYS A 418 -12.41 -14.26 -2.22
CA LYS A 418 -13.02 -14.79 -3.44
C LYS A 418 -13.32 -13.66 -4.43
N ALA A 419 -13.74 -12.53 -3.91
CA ALA A 419 -14.04 -11.37 -4.72
C ALA A 419 -12.79 -10.85 -5.34
N SER A 420 -11.67 -10.98 -4.66
CA SER A 420 -10.40 -10.52 -5.21
C SER A 420 -10.04 -11.30 -6.43
N ILE A 421 -10.28 -12.60 -6.41
CA ILE A 421 -10.01 -13.41 -7.55
C ILE A 421 -11.00 -13.10 -8.66
N ASP A 422 -12.27 -13.06 -8.35
CA ASP A 422 -13.30 -12.81 -9.35
C ASP A 422 -13.18 -11.48 -10.08
N GLN A 423 -13.00 -10.42 -9.33
CA GLN A 423 -12.90 -9.07 -9.86
C GLN A 423 -11.63 -8.86 -10.63
N SER A 424 -10.64 -9.66 -10.33
CA SER A 424 -9.40 -9.61 -10.99
C SER A 424 -9.61 -10.13 -12.41
N ARG A 425 -10.41 -11.17 -12.54
CA ARG A 425 -10.75 -11.77 -13.81
C ARG A 425 -11.67 -10.86 -14.58
N GLU A 426 -12.54 -10.19 -13.86
CA GLU A 426 -13.49 -9.27 -14.43
C GLU A 426 -12.77 -8.11 -15.08
N MET A 427 -11.70 -7.70 -14.46
CA MET A 427 -10.86 -6.60 -14.95
C MET A 427 -9.82 -7.07 -15.98
N LYS A 428 -9.94 -8.33 -16.39
CA LYS A 428 -9.09 -8.90 -17.44
C LYS A 428 -7.59 -8.70 -17.18
N TYR A 429 -7.16 -9.03 -15.97
CA TYR A 429 -5.73 -9.06 -15.62
C TYR A 429 -4.97 -10.07 -16.47
N GLN A 430 -3.79 -9.68 -16.93
CA GLN A 430 -2.86 -10.66 -17.51
C GLN A 430 -2.32 -11.60 -16.42
N SER A 431 -1.64 -12.67 -16.85
CA SER A 431 -1.16 -13.71 -15.93
C SER A 431 -0.04 -13.23 -15.00
N LEU A 432 0.20 -14.01 -13.94
CA LEU A 432 1.32 -13.81 -13.04
C LEU A 432 2.64 -13.63 -13.80
N ASN A 433 2.94 -14.54 -14.72
CA ASN A 433 4.24 -14.50 -15.37
C ASN A 433 4.41 -13.29 -16.26
N GLU A 434 3.32 -12.79 -16.85
CA GLU A 434 3.40 -11.55 -17.62
C GLU A 434 3.74 -10.38 -16.69
N TYR A 435 3.12 -10.38 -15.50
CA TYR A 435 3.41 -9.34 -14.51
C TYR A 435 4.85 -9.44 -14.02
N ARG A 436 5.36 -10.65 -13.89
CA ARG A 436 6.75 -10.82 -13.45
C ARG A 436 7.70 -10.21 -14.50
N LYS A 437 7.50 -10.56 -15.78
CA LYS A 437 8.31 -9.98 -16.85
C LYS A 437 8.25 -8.46 -16.85
N ARG A 438 7.05 -7.91 -16.63
CA ARG A 438 6.83 -6.47 -16.60
C ARG A 438 7.71 -5.79 -15.54
N PHE A 439 7.99 -6.49 -14.44
CA PHE A 439 8.78 -5.92 -13.36
C PHE A 439 10.16 -6.58 -13.26
N SER A 440 10.67 -7.02 -14.43
CA SER A 440 12.02 -7.55 -14.60
C SER A 440 12.33 -8.80 -13.79
N LEU A 441 11.34 -9.68 -13.64
CA LEU A 441 11.53 -10.94 -12.93
C LEU A 441 11.51 -12.11 -13.92
N LYS A 442 12.18 -13.21 -13.59
CA LYS A 442 12.11 -14.40 -14.43
C LYS A 442 10.77 -15.10 -14.23
N PRO A 443 10.10 -15.43 -15.33
CA PRO A 443 8.84 -16.20 -15.23
C PRO A 443 9.09 -17.50 -14.46
N TYR A 444 8.15 -17.92 -13.63
CA TYR A 444 8.22 -19.23 -13.00
C TYR A 444 7.99 -20.30 -14.06
N THR A 445 8.74 -21.40 -13.96
CA THR A 445 8.63 -22.49 -14.93
C THR A 445 7.85 -23.69 -14.40
N SER A 446 7.43 -23.63 -13.14
CA SER A 446 6.55 -24.66 -12.56
C SER A 446 5.87 -24.12 -11.29
N PHE A 447 4.85 -24.82 -10.84
CA PHE A 447 4.15 -24.42 -9.62
C PHE A 447 5.00 -24.67 -8.38
N GLU A 448 5.85 -25.70 -8.42
CA GLU A 448 6.73 -26.01 -7.30
C GLU A 448 7.76 -24.90 -7.12
N GLU A 449 8.23 -24.35 -8.23
CA GLU A 449 9.14 -23.21 -8.14
C GLU A 449 8.43 -22.00 -7.52
N LEU A 450 7.15 -21.82 -7.87
CA LEU A 450 6.37 -20.73 -7.30
C LEU A 450 6.18 -20.83 -5.78
N THR A 451 5.80 -22.01 -5.29
CA THR A 451 5.45 -22.15 -3.88
C THR A 451 6.62 -22.63 -3.02
N GLY A 452 7.60 -23.28 -3.64
CA GLY A 452 8.74 -23.80 -2.89
C GLY A 452 8.40 -25.03 -2.07
N GLU A 453 7.23 -25.58 -2.29
CA GLU A 453 6.79 -26.79 -1.63
C GLU A 453 6.17 -27.78 -2.62
N LYS A 454 5.50 -28.82 -2.16
CA LYS A 454 4.97 -29.83 -3.06
C LYS A 454 3.44 -29.92 -3.09
N GLU A 455 2.82 -29.75 -1.93
CA GLU A 455 1.39 -30.06 -1.74
C GLU A 455 0.44 -29.02 -2.38
N MET A 456 0.63 -27.74 -2.07
CA MET A 456 -0.12 -26.68 -2.73
C MET A 456 0.21 -26.61 -4.21
N ALA A 457 1.48 -26.84 -4.54
CA ALA A 457 1.92 -26.84 -5.93
C ALA A 457 1.11 -27.84 -6.76
N ALA A 458 0.84 -29.01 -6.16
CA ALA A 458 0.11 -30.06 -6.85
C ALA A 458 -1.37 -29.72 -7.01
N GLU A 459 -1.95 -29.06 -6.00
CA GLU A 459 -3.32 -28.57 -6.06
C GLU A 459 -3.49 -27.56 -7.19
N LEU A 460 -2.55 -26.61 -7.25
CA LEU A 460 -2.58 -25.56 -8.25
C LEU A 460 -2.40 -26.12 -9.66
N LYS A 461 -1.53 -27.11 -9.81
CA LYS A 461 -1.29 -27.71 -11.12
C LYS A 461 -2.53 -28.46 -11.61
N ALA A 462 -3.30 -29.03 -10.69
CA ALA A 462 -4.54 -29.71 -11.06
C ALA A 462 -5.61 -28.71 -11.49
N LEU A 463 -5.65 -27.54 -10.84
CA LEU A 463 -6.64 -26.51 -11.16
C LEU A 463 -6.29 -25.69 -12.42
N TYR A 464 -5.00 -25.38 -12.60
CA TYR A 464 -4.55 -24.47 -13.65
C TYR A 464 -3.88 -25.15 -14.86
N SER A 465 -3.26 -26.32 -14.63
CA SER A 465 -2.53 -27.08 -15.66
C SER A 465 -1.19 -26.45 -16.12
N ASP A 466 -1.23 -25.18 -16.53
CA ASP A 466 -0.04 -24.49 -17.03
C ASP A 466 0.33 -23.34 -16.10
N ILE A 467 1.60 -23.28 -15.70
CA ILE A 467 2.10 -22.20 -14.84
C ILE A 467 1.94 -20.82 -15.50
N ASP A 468 1.91 -20.80 -16.83
CA ASP A 468 1.77 -19.54 -17.57
C ASP A 468 0.35 -18.97 -17.46
N VAL A 469 -0.55 -19.73 -16.87
CA VAL A 469 -1.94 -19.32 -16.74
C VAL A 469 -2.27 -18.98 -15.28
N MET A 470 -1.32 -19.22 -14.39
CA MET A 470 -1.49 -18.89 -12.98
C MET A 470 -1.81 -17.39 -12.84
N GLU A 471 -2.68 -17.06 -11.89
CA GLU A 471 -3.16 -15.68 -11.72
C GLU A 471 -2.35 -14.91 -10.69
N LEU A 472 -2.33 -13.58 -10.82
CA LEU A 472 -1.50 -12.73 -9.97
C LEU A 472 -1.87 -12.78 -8.47
N TYR A 473 -3.14 -12.55 -8.16
CA TYR A 473 -3.52 -12.43 -6.76
C TYR A 473 -3.31 -13.73 -5.95
N PRO A 474 -3.81 -14.88 -6.44
CA PRO A 474 -3.54 -16.06 -5.60
C PRO A 474 -2.06 -16.40 -5.54
N ALA A 475 -1.30 -16.08 -6.58
CA ALA A 475 0.13 -16.34 -6.60
C ALA A 475 0.85 -15.57 -5.49
N LEU A 476 0.47 -14.32 -5.29
CA LEU A 476 1.09 -13.49 -4.27
C LEU A 476 0.94 -14.10 -2.88
N LEU A 477 -0.22 -14.72 -2.60
CA LEU A 477 -0.48 -15.26 -1.27
C LEU A 477 0.03 -16.69 -1.04
N VAL A 478 0.35 -17.42 -2.10
CA VAL A 478 0.90 -18.77 -1.94
C VAL A 478 2.39 -18.81 -2.24
N GLU A 479 2.93 -17.70 -2.73
CA GLU A 479 4.32 -17.64 -3.14
C GLU A 479 5.27 -18.05 -2.01
N LYS A 480 6.31 -18.78 -2.38
CA LYS A 480 7.43 -19.04 -1.47
C LYS A 480 7.96 -17.75 -0.86
N PRO A 481 7.90 -17.66 0.47
CA PRO A 481 8.47 -16.50 1.18
C PRO A 481 9.99 -16.44 1.04
N ARG A 482 10.55 -15.24 1.16
CA ARG A 482 11.98 -15.09 1.39
C ARG A 482 12.28 -15.74 2.75
N PRO A 483 13.56 -16.09 3.01
CA PRO A 483 13.87 -16.76 4.28
C PRO A 483 13.41 -15.97 5.52
N ASP A 484 12.56 -16.60 6.32
CA ASP A 484 12.01 -16.00 7.55
C ASP A 484 11.30 -14.65 7.30
N ALA A 485 10.70 -14.51 6.12
CA ALA A 485 10.10 -13.24 5.73
C ALA A 485 8.58 -13.37 5.56
N ILE A 486 7.90 -12.23 5.60
CA ILE A 486 6.47 -12.18 5.43
C ILE A 486 6.04 -12.26 3.95
N PHE A 487 6.90 -11.81 3.02
CA PHE A 487 6.54 -11.79 1.59
C PHE A 487 7.44 -12.64 0.71
N GLY A 488 6.94 -12.94 -0.49
CA GLY A 488 7.79 -13.52 -1.52
C GLY A 488 8.33 -12.45 -2.47
N GLU A 489 9.08 -12.87 -3.47
CA GLU A 489 9.72 -11.97 -4.43
C GLU A 489 8.74 -11.06 -5.18
N THR A 490 7.64 -11.62 -5.65
CA THR A 490 6.74 -10.87 -6.51
C THR A 490 6.08 -9.72 -5.76
N MET A 491 5.75 -9.95 -4.47
CA MET A 491 5.17 -8.89 -3.64
C MET A 491 6.11 -7.69 -3.47
N VAL A 492 7.39 -7.94 -3.18
CA VAL A 492 8.34 -6.84 -3.00
C VAL A 492 8.64 -6.11 -4.31
N GLU A 493 8.88 -6.88 -5.38
CA GLU A 493 9.37 -6.30 -6.63
C GLU A 493 8.29 -5.55 -7.43
N LEU A 494 7.02 -5.88 -7.18
CA LEU A 494 5.90 -5.11 -7.72
C LEU A 494 5.52 -3.94 -6.82
N GLY A 495 5.41 -4.21 -5.52
CA GLY A 495 4.97 -3.22 -4.55
C GLY A 495 5.93 -2.05 -4.34
N ALA A 496 7.22 -2.32 -4.33
CA ALA A 496 8.17 -1.25 -4.03
C ALA A 496 8.11 -0.12 -5.07
N PRO A 497 8.04 -0.45 -6.38
CA PRO A 497 7.93 0.67 -7.32
C PRO A 497 6.67 1.53 -7.12
N PHE A 498 5.50 0.91 -6.98
CA PHE A 498 4.26 1.65 -6.70
C PHE A 498 4.41 2.51 -5.45
N SER A 499 5.02 1.93 -4.42
CA SER A 499 5.15 2.57 -3.11
C SER A 499 5.99 3.83 -3.14
N LEU A 500 7.23 3.66 -3.53
CA LEU A 500 8.17 4.74 -3.55
C LEU A 500 7.79 5.85 -4.50
N LYS A 501 7.25 5.48 -5.63
CA LYS A 501 6.74 6.45 -6.60
C LYS A 501 5.58 7.24 -5.98
N GLY A 502 4.68 6.51 -5.32
CA GLY A 502 3.55 7.13 -4.64
C GLY A 502 3.93 8.10 -3.54
N LEU A 503 4.99 7.75 -2.81
CA LEU A 503 5.44 8.57 -1.67
C LEU A 503 6.20 9.82 -2.11
N MET A 504 7.14 9.67 -3.05
CA MET A 504 7.98 10.79 -3.49
C MET A 504 7.25 11.65 -4.54
N GLY A 505 6.29 11.07 -5.25
CA GLY A 505 5.52 11.81 -6.26
C GLY A 505 4.58 12.89 -5.71
N ASN A 506 4.51 13.00 -4.39
CA ASN A 506 3.69 14.01 -3.72
C ASN A 506 4.27 15.42 -3.90
N PRO A 507 3.40 16.43 -4.11
CA PRO A 507 3.91 17.79 -4.36
C PRO A 507 4.72 18.39 -3.20
N ILE A 508 4.52 17.95 -1.96
CA ILE A 508 5.33 18.52 -0.87
C ILE A 508 6.80 18.07 -0.98
N CYS A 509 7.07 17.05 -1.80
CA CYS A 509 8.44 16.59 -2.04
C CYS A 509 9.14 17.35 -3.18
N SER A 510 8.39 18.19 -3.89
CA SER A 510 8.97 18.93 -5.02
C SER A 510 9.77 20.13 -4.48
N PRO A 511 10.79 20.59 -5.25
CA PRO A 511 11.65 21.69 -4.82
C PRO A 511 10.92 22.96 -4.36
N GLN A 512 9.82 23.34 -5.03
CA GLN A 512 9.14 24.58 -4.66
C GLN A 512 8.33 24.44 -3.38
N TYR A 513 7.97 23.21 -3.01
CA TYR A 513 7.30 22.98 -1.73
C TYR A 513 8.23 22.64 -0.56
N TRP A 514 9.35 21.96 -0.83
CA TRP A 514 10.17 21.38 0.26
C TRP A 514 11.12 22.41 0.85
N LYS A 515 10.58 23.27 1.70
CA LYS A 515 11.35 24.36 2.29
C LYS A 515 10.59 24.80 3.53
N PRO A 516 11.32 25.34 4.53
CA PRO A 516 10.71 25.61 5.85
C PRO A 516 9.42 26.45 5.79
N SER A 517 9.39 27.46 4.93
CA SER A 517 8.29 28.42 4.94
C SER A 517 6.96 27.75 4.55
N THR A 518 7.02 26.68 3.77
CA THR A 518 5.82 25.91 3.43
C THR A 518 5.13 25.37 4.68
N PHE A 519 5.92 25.07 5.70
CA PHE A 519 5.41 24.38 6.88
C PHE A 519 5.40 25.28 8.11
N GLY A 520 5.41 26.60 7.87
CA GLY A 520 5.32 27.56 8.95
C GLY A 520 6.64 27.93 9.61
N GLY A 521 7.75 27.58 8.97
CA GLY A 521 9.08 27.85 9.53
C GLY A 521 9.80 26.60 10.02
N GLU A 522 10.98 26.80 10.62
CA GLU A 522 11.83 25.68 11.03
C GLU A 522 11.16 24.77 12.07
N VAL A 523 10.36 25.34 12.97
CA VAL A 523 9.65 24.52 13.96
C VAL A 523 8.69 23.50 13.28
N GLY A 524 7.89 23.96 12.33
CA GLY A 524 7.01 23.08 11.58
C GLY A 524 7.78 22.07 10.73
N PHE A 525 8.85 22.52 10.08
CA PHE A 525 9.70 21.67 9.26
C PHE A 525 10.28 20.53 10.11
N LYS A 526 10.75 20.88 11.31
CA LYS A 526 11.34 19.89 12.21
C LYS A 526 10.35 18.79 12.68
N ILE A 527 9.07 19.14 12.79
CA ILE A 527 8.05 18.15 13.15
C ILE A 527 8.00 17.03 12.12
N ILE A 528 8.18 17.38 10.85
CA ILE A 528 8.23 16.38 9.78
C ILE A 528 9.50 15.54 9.89
N ASN A 529 10.64 16.21 10.02
CA ASN A 529 11.91 15.51 9.84
C ASN A 529 12.32 14.68 11.06
N THR A 530 11.63 14.85 12.19
CA THR A 530 11.87 14.00 13.36
C THR A 530 10.70 13.07 13.67
N ALA A 531 9.69 13.01 12.81
CA ALA A 531 8.51 12.18 13.07
C ALA A 531 8.86 10.68 13.10
N SER A 532 8.12 9.92 13.90
CA SER A 532 8.32 8.46 14.00
C SER A 532 7.07 7.84 14.60
N ILE A 533 6.86 6.55 14.41
CA ILE A 533 5.67 5.91 14.96
C ILE A 533 5.70 5.99 16.49
N GLN A 534 6.87 5.97 17.09
CA GLN A 534 6.93 6.07 18.52
C GLN A 534 6.61 7.46 19.00
N SER A 535 7.10 8.48 18.33
CA SER A 535 6.79 9.83 18.80
C SER A 535 5.32 10.20 18.52
N LEU A 536 4.73 9.67 17.45
CA LEU A 536 3.30 9.86 17.20
C LEU A 536 2.44 9.31 18.35
N ILE A 537 2.76 8.12 18.82
CA ILE A 537 2.00 7.50 19.92
C ILE A 537 2.35 8.18 21.25
N CYS A 538 3.63 8.48 21.45
CA CYS A 538 4.09 9.16 22.66
C CYS A 538 3.41 10.51 22.89
N ASN A 539 3.42 11.37 21.88
CA ASN A 539 2.80 12.70 22.02
C ASN A 539 1.27 12.69 22.20
N ASN A 540 0.59 11.67 21.68
CA ASN A 540 -0.87 11.71 21.61
C ASN A 540 -1.63 10.63 22.36
N VAL A 541 -0.92 9.73 23.03
CA VAL A 541 -1.59 8.69 23.81
C VAL A 541 -1.18 8.79 25.28
N LYS A 542 -2.16 8.70 26.18
CA LYS A 542 -1.93 8.94 27.58
C LYS A 542 -0.84 8.00 28.16
N GLY A 543 0.09 8.58 28.92
CA GLY A 543 1.16 7.83 29.53
C GLY A 543 2.37 7.62 28.63
N CYS A 544 2.29 8.08 27.38
CA CYS A 544 3.34 7.86 26.38
C CYS A 544 3.79 6.39 26.33
N PRO A 545 2.89 5.47 25.99
CA PRO A 545 3.30 4.06 26.02
C PRO A 545 4.36 3.69 24.94
N PHE A 546 5.20 2.71 25.24
CA PHE A 546 6.09 2.11 24.27
C PHE A 546 5.31 1.53 23.10
N THR A 547 5.80 1.72 21.87
CA THR A 547 5.26 1.00 20.74
C THR A 547 6.31 0.75 19.66
N SER A 548 5.91 -0.05 18.70
CA SER A 548 6.72 -0.46 17.59
C SER A 548 5.91 -1.31 16.63
N PHE A 549 6.44 -1.55 15.44
CA PHE A 549 5.72 -2.42 14.51
C PHE A 549 6.10 -3.91 14.68
N ASN A 550 7.02 -4.19 15.59
CA ASN A 550 7.57 -5.53 15.78
C ASN A 550 7.32 -6.08 17.21
N VAL A 551 6.61 -7.21 17.35
CA VAL A 551 6.40 -7.80 18.70
C VAL A 551 7.70 -8.17 19.41
N GLN A 552 8.78 -8.41 18.64
CA GLN A 552 10.06 -8.88 19.18
C GLN A 552 10.86 -7.81 19.91
N ASP A 553 10.48 -6.54 19.74
CA ASP A 553 11.28 -5.44 20.31
C ASP A 553 11.06 -5.30 21.83
N PRO A 554 12.15 -5.37 22.60
CA PRO A 554 12.03 -5.20 24.05
C PRO A 554 11.71 -3.75 24.44
N GLN A 555 10.78 -3.62 25.36
CA GLN A 555 10.46 -2.37 26.03
C GLN A 555 11.48 -2.10 27.15
N PRO A 556 12.06 -0.90 27.18
CA PRO A 556 13.04 -0.61 28.25
C PRO A 556 12.38 -0.40 29.61
N THR A 557 13.18 -0.59 30.67
CA THR A 557 12.71 -0.47 32.04
C THR A 557 12.98 0.95 32.56
#